data_1W1O
#
_entry.id   1W1O
#
_cell.length_a   171.693
_cell.length_b   171.693
_cell.length_c   54.322
_cell.angle_alpha   90.00
_cell.angle_beta   90.00
_cell.angle_gamma   90.00
#
_symmetry.space_group_name_H-M   'P 42 21 2'
#
loop_
_entity.id
_entity.type
_entity.pdbx_description
1 polymer 'CYTOKININ DEHYDROGENASE 1'
2 branched 2-acetamido-2-deoxy-beta-D-glucopyranose-(1-4)-2-acetamido-2-deoxy-beta-D-glucopyranose
3 non-polymer 'FLAVIN-ADENINE DINUCLEOTIDE'
4 non-polymer 2-acetamido-2-deoxy-beta-D-glucopyranose
5 water water
#
_entity_poly.entity_id   1
_entity_poly.type   'polypeptide(L)'
_entity_poly.pdbx_seq_one_letter_code
;MAVVYYLLLAGLIACSHALAAGTPALGDDRGRPWPASLAALALDGKLRTDSNATAAASTDFGNITSALPAAVLYPSSTGD
LVALLSAANSTPGWPYTIAFRGRGHSLMGQAFAPGGVVVNMASLGDAAAPPRINVSADGRYVDAGGEQVWIDVLRASLAR
GVAPRSWTDYLYLTVGGTLSNAGISGQAFRHGPQISNVLEMDVITGHGEMVTCSKQLNADLFDAVLGGLGQFGVITRARI
AVEPAPARARWVRFVYTDFAAFSADQERLTAPRPGGGGASFGPMSYVEGSVFVNQSLATDLANTGFFTDADVARIVALAG
ERNATTVYSIEATLNYDNATAAAAAVDQELASVLGTLSYVEGFAFQRDVAYAAFLDRVHGEEVALNKLGLWRVPHPWLNM
FVPRSRIADFDRGVFKGILQGTDIVGPLIVYPLNKSMWDDGMSAATPSEDVFYAVSLLFSSVAPNDLARLQEQNRRILRF
CDLAGIQYKTYLARHTDRSDWVRHFGAAKWNRFVEMKNKYDPKRLLSPGQDIFN
;
_entity_poly.pdbx_strand_id   A
#
# COMPACT_ATOMS: atom_id res chain seq x y z
N ALA A 40 1.68 35.96 -7.09
CA ALA A 40 2.92 35.63 -7.85
C ALA A 40 2.79 34.28 -8.55
N LEU A 41 2.42 33.25 -7.79
CA LEU A 41 2.23 31.90 -8.33
C LEU A 41 0.95 31.82 -9.17
N ALA A 42 -0.08 32.52 -8.72
CA ALA A 42 -1.37 32.57 -9.43
C ALA A 42 -1.25 33.29 -10.77
N LEU A 43 -0.43 34.34 -10.82
CA LEU A 43 -0.18 35.09 -12.05
C LEU A 43 0.56 34.26 -13.09
N ASP A 44 1.42 33.36 -12.62
CA ASP A 44 2.13 32.42 -13.49
C ASP A 44 1.26 31.19 -13.81
N GLY A 45 0.02 31.23 -13.34
CA GLY A 45 -0.97 30.19 -13.62
C GLY A 45 -0.79 28.92 -12.81
N LYS A 46 0.02 28.98 -11.76
CA LYS A 46 0.36 27.80 -10.97
C LYS A 46 -0.61 27.54 -9.82
N LEU A 47 -1.13 28.61 -9.22
CA LEU A 47 -2.08 28.48 -8.11
C LEU A 47 -3.50 28.76 -8.60
N ARG A 48 -4.30 27.70 -8.72
CA ARG A 48 -5.64 27.78 -9.30
C ARG A 48 -6.74 27.72 -8.25
N THR A 49 -7.75 28.57 -8.41
CA THR A 49 -8.89 28.63 -7.49
C THR A 49 -10.22 28.36 -8.19
N ASP A 50 -10.15 28.06 -9.49
CA ASP A 50 -11.35 27.80 -10.28
C ASP A 50 -12.04 26.51 -9.85
N SER A 51 -13.35 26.44 -10.07
CA SER A 51 -14.19 25.34 -9.59
C SER A 51 -13.75 23.95 -10.06
N ASN A 52 -13.33 23.84 -11.32
CA ASN A 52 -12.86 22.57 -11.87
C ASN A 52 -11.62 22.04 -11.15
N ALA A 53 -10.68 22.94 -10.85
CA ALA A 53 -9.45 22.58 -10.14
C ALA A 53 -9.74 22.10 -8.72
N THR A 54 -10.51 22.88 -7.97
CA THR A 54 -10.82 22.53 -6.58
C THR A 54 -11.68 21.27 -6.48
N ALA A 55 -12.62 21.10 -7.43
CA ALA A 55 -13.46 19.90 -7.47
C ALA A 55 -12.64 18.63 -7.66
N ALA A 56 -11.68 18.68 -8.58
CA ALA A 56 -10.84 17.52 -8.88
C ALA A 56 -9.97 17.08 -7.70
N ALA A 57 -9.61 18.04 -6.85
CA ALA A 57 -8.77 17.76 -5.68
C ALA A 57 -9.59 17.54 -4.41
N SER A 58 -10.90 17.35 -4.57
CA SER A 58 -11.83 17.23 -3.44
C SER A 58 -12.35 15.81 -3.22
N THR A 59 -12.01 14.89 -4.11
CA THR A 59 -12.44 13.50 -3.98
C THR A 59 -11.25 12.56 -4.13
N ASP A 60 -11.41 11.32 -3.69
CA ASP A 60 -10.36 10.33 -3.81
C ASP A 60 -10.89 8.94 -4.18
N PHE A 61 -9.99 7.97 -4.24
CA PHE A 61 -10.33 6.59 -4.60
C PHE A 61 -11.40 5.99 -3.68
N GLY A 62 -11.34 6.34 -2.40
CA GLY A 62 -12.33 5.87 -1.43
C GLY A 62 -13.75 6.18 -1.84
N ASN A 63 -13.97 7.37 -2.41
CA ASN A 63 -15.28 7.78 -2.92
C ASN A 63 -16.34 7.80 -1.81
N ILE A 64 -15.89 8.08 -0.58
CA ILE A 64 -16.76 8.08 0.59
C ILE A 64 -16.79 9.45 1.25
N THR A 65 -15.63 10.08 1.39
CA THR A 65 -15.55 11.43 1.93
C THR A 65 -15.05 12.43 0.89
N SER A 66 -15.46 13.68 1.05
CA SER A 66 -15.03 14.76 0.16
C SER A 66 -14.79 16.04 0.93
N ALA A 67 -13.85 16.85 0.45
CA ALA A 67 -13.52 18.12 1.09
C ALA A 67 -12.91 19.08 0.08
N LEU A 68 -13.57 20.21 -0.12
CA LEU A 68 -13.11 21.21 -1.08
C LEU A 68 -11.93 22.03 -0.54
N PRO A 69 -10.85 22.11 -1.31
CA PRO A 69 -9.73 23.00 -0.98
C PRO A 69 -10.05 24.42 -1.42
N ALA A 70 -9.32 25.39 -0.87
CA ALA A 70 -9.43 26.79 -1.32
C ALA A 70 -8.71 26.98 -2.66
N ALA A 71 -7.62 26.25 -2.84
CA ALA A 71 -6.79 26.37 -4.05
C ALA A 71 -6.02 25.09 -4.34
N VAL A 72 -5.55 24.97 -5.58
CA VAL A 72 -4.73 23.83 -5.98
C VAL A 72 -3.48 24.37 -6.67
N LEU A 73 -2.31 23.95 -6.18
CA LEU A 73 -1.05 24.33 -6.80
C LEU A 73 -0.66 23.31 -7.86
N TYR A 74 -0.27 23.81 -9.03
CA TYR A 74 0.24 22.99 -10.11
C TYR A 74 1.71 23.36 -10.37
N PRO A 75 2.62 22.83 -9.55
CA PRO A 75 4.03 23.23 -9.61
C PRO A 75 4.74 22.71 -10.85
N SER A 76 5.54 23.55 -11.49
CA SER A 76 6.31 23.15 -12.66
C SER A 76 7.68 22.62 -12.26
N SER A 77 8.14 23.03 -11.07
CA SER A 77 9.44 22.62 -10.55
C SER A 77 9.39 22.61 -9.02
N THR A 78 10.39 21.97 -8.39
CA THR A 78 10.46 21.93 -6.93
C THR A 78 10.59 23.32 -6.31
N GLY A 79 11.10 24.27 -7.10
CA GLY A 79 11.18 25.67 -6.70
C GLY A 79 9.83 26.28 -6.36
N ASP A 80 8.78 25.84 -7.07
CA ASP A 80 7.42 26.31 -6.79
C ASP A 80 6.90 25.78 -5.45
N LEU A 81 7.33 24.57 -5.11
CA LEU A 81 6.96 23.97 -3.83
C LEU A 81 7.71 24.63 -2.68
N VAL A 82 8.99 24.94 -2.91
CA VAL A 82 9.79 25.69 -1.96
C VAL A 82 9.15 27.05 -1.70
N ALA A 83 8.71 27.71 -2.77
CA ALA A 83 8.06 29.02 -2.68
C ALA A 83 6.80 28.99 -1.81
N LEU A 84 5.97 27.95 -2.00
CA LEU A 84 4.74 27.80 -1.22
C LEU A 84 5.03 27.54 0.26
N LEU A 85 5.92 26.59 0.54
CA LEU A 85 6.22 26.21 1.91
C LEU A 85 7.01 27.27 2.66
N SER A 86 7.86 28.01 1.95
CA SER A 86 8.61 29.13 2.53
C SER A 86 7.66 30.28 2.90
N ALA A 87 6.69 30.53 2.03
CA ALA A 87 5.67 31.56 2.29
C ALA A 87 4.84 31.19 3.52
N ALA A 88 4.44 29.91 3.59
CA ALA A 88 3.67 29.40 4.73
C ALA A 88 4.46 29.53 6.03
N ASN A 89 5.77 29.26 5.95
CA ASN A 89 6.65 29.33 7.10
C ASN A 89 6.86 30.76 7.61
N SER A 90 7.03 31.70 6.68
CA SER A 90 7.43 33.07 7.01
C SER A 90 6.27 34.05 7.22
N THR A 91 5.05 33.63 6.90
CA THR A 91 3.87 34.50 6.99
C THR A 91 3.10 34.29 8.30
N PRO A 92 3.06 35.32 9.15
CA PRO A 92 2.19 35.30 10.34
C PRO A 92 0.74 35.30 9.89
N GLY A 93 -0.08 34.48 10.54
CA GLY A 93 -1.47 34.36 10.14
C GLY A 93 -1.63 33.70 8.78
N TRP A 94 -0.74 32.77 8.46
CA TRP A 94 -0.88 31.96 7.25
C TRP A 94 -2.15 31.12 7.35
N PRO A 95 -3.04 31.24 6.36
CA PRO A 95 -4.38 30.64 6.48
C PRO A 95 -4.49 29.15 6.15
N TYR A 96 -3.61 28.61 5.31
CA TYR A 96 -3.89 27.34 4.64
C TYR A 96 -3.07 26.13 5.09
N THR A 97 -3.78 25.05 5.42
CA THR A 97 -3.15 23.74 5.49
C THR A 97 -2.75 23.33 4.07
N ILE A 98 -1.81 22.40 3.96
CA ILE A 98 -1.28 21.99 2.67
C ILE A 98 -1.23 20.46 2.58
N ALA A 99 -1.85 19.91 1.53
CA ALA A 99 -1.78 18.47 1.27
C ALA A 99 -1.05 18.21 -0.04
N PHE A 100 -0.49 17.01 -0.17
CA PHE A 100 0.25 16.65 -1.38
C PHE A 100 -0.45 15.49 -2.08
N ARG A 101 -1.21 15.80 -3.12
CA ARG A 101 -1.95 14.78 -3.84
C ARG A 101 -1.00 14.02 -4.76
N GLY A 102 -0.87 12.71 -4.54
CA GLY A 102 -0.09 11.86 -5.40
C GLY A 102 -0.90 11.53 -6.63
N ARG A 103 -1.78 10.53 -6.49
CA ARG A 103 -2.82 10.26 -7.48
C ARG A 103 -4.18 10.11 -6.81
N GLY A 104 -4.25 10.53 -5.54
CA GLY A 104 -5.47 10.49 -4.77
C GLY A 104 -6.00 9.10 -4.52
N HIS A 105 -5.11 8.16 -4.26
CA HIS A 105 -5.53 6.79 -4.00
C HIS A 105 -5.96 6.54 -2.55
N SER A 106 -5.89 7.60 -1.74
CA SER A 106 -6.34 7.57 -0.34
C SER A 106 -7.78 7.11 -0.22
N LEU A 107 -8.10 6.48 0.90
CA LEU A 107 -9.42 5.89 1.13
C LEU A 107 -10.38 6.80 1.89
N MET A 108 -9.83 7.68 2.72
CA MET A 108 -10.65 8.46 3.64
C MET A 108 -10.17 9.91 3.81
N GLY A 109 -9.82 10.54 2.69
CA GLY A 109 -9.52 11.96 2.68
C GLY A 109 -8.13 12.39 3.09
N GLN A 110 -7.20 11.45 3.14
CA GLN A 110 -5.83 11.74 3.58
C GLN A 110 -5.10 12.74 2.70
N ALA A 111 -5.54 12.90 1.46
CA ALA A 111 -4.91 13.83 0.52
C ALA A 111 -5.68 15.14 0.34
N PHE A 112 -6.67 15.38 1.19
CA PHE A 112 -7.47 16.61 1.14
C PHE A 112 -6.86 17.71 2.00
N ALA A 113 -7.13 18.95 1.63
CA ALA A 113 -6.81 20.10 2.44
C ALA A 113 -8.06 20.98 2.51
N PRO A 114 -8.97 20.66 3.45
CA PRO A 114 -10.24 21.39 3.56
C PRO A 114 -10.01 22.87 3.80
N GLY A 115 -10.45 23.70 2.86
CA GLY A 115 -10.22 25.13 2.92
C GLY A 115 -8.76 25.54 2.84
N GLY A 116 -7.92 24.64 2.33
CA GLY A 116 -6.49 24.85 2.25
C GLY A 116 -5.97 24.71 0.84
N VAL A 117 -4.69 24.36 0.70
CA VAL A 117 -4.07 24.19 -0.61
C VAL A 117 -3.68 22.73 -0.85
N VAL A 118 -4.22 22.14 -1.92
CA VAL A 118 -3.77 20.83 -2.37
C VAL A 118 -2.70 21.04 -3.44
N VAL A 119 -1.56 20.37 -3.27
CA VAL A 119 -0.52 20.39 -4.29
C VAL A 119 -0.77 19.24 -5.27
N ASN A 120 -0.99 19.58 -6.54
CA ASN A 120 -1.12 18.59 -7.60
C ASN A 120 0.28 18.13 -8.00
N MET A 121 0.79 17.13 -7.28
CA MET A 121 2.17 16.69 -7.44
C MET A 121 2.52 16.27 -8.87
N ALA A 122 1.56 15.67 -9.57
CA ALA A 122 1.76 15.18 -10.93
C ALA A 122 2.33 16.24 -11.89
N SER A 123 2.04 17.51 -11.60
CA SER A 123 2.52 18.63 -12.41
C SER A 123 4.04 18.69 -12.52
N LEU A 124 4.74 18.17 -11.50
CA LEU A 124 6.20 18.13 -11.50
C LEU A 124 6.78 17.26 -12.61
N GLY A 125 5.98 16.35 -13.13
CA GLY A 125 6.41 15.43 -14.19
C GLY A 125 5.89 15.78 -15.56
N ASP A 126 5.37 17.01 -15.72
CA ASP A 126 4.77 17.45 -16.98
C ASP A 126 5.81 17.70 -18.08
N ALA A 127 6.90 18.36 -17.72
CA ALA A 127 7.96 18.72 -18.66
C ALA A 127 8.70 17.50 -19.18
N ALA A 128 9.12 17.56 -20.45
CA ALA A 128 9.88 16.48 -21.07
C ALA A 128 11.30 16.38 -20.53
N ALA A 129 11.90 17.54 -20.25
CA ALA A 129 13.25 17.62 -19.70
C ALA A 129 13.32 18.63 -18.55
N PRO A 130 14.07 18.31 -17.48
CA PRO A 130 14.86 17.07 -17.38
C PRO A 130 14.04 15.87 -16.91
N PRO A 131 14.56 14.65 -17.13
CA PRO A 131 13.87 13.42 -16.69
C PRO A 131 13.60 13.39 -15.18
N ARG A 132 12.48 12.79 -14.81
CA ARG A 132 12.09 12.66 -13.41
C ARG A 132 12.44 11.29 -12.83
N ILE A 133 12.97 10.41 -13.68
CA ILE A 133 13.44 9.10 -13.23
C ILE A 133 14.82 8.82 -13.82
N ASN A 134 15.82 8.70 -12.95
CA ASN A 134 17.20 8.42 -13.37
C ASN A 134 17.74 7.16 -12.74
N VAL A 135 17.97 6.14 -13.58
CA VAL A 135 18.70 4.95 -13.14
C VAL A 135 20.17 5.35 -13.00
N SER A 136 20.79 4.97 -11.89
CA SER A 136 22.19 5.29 -11.63
C SER A 136 23.12 4.75 -12.71
N ALA A 137 24.29 5.36 -12.83
CA ALA A 137 25.28 4.96 -13.83
C ALA A 137 25.66 3.48 -13.69
N ASP A 138 25.76 2.99 -12.45
CA ASP A 138 26.12 1.60 -12.21
C ASP A 138 24.91 0.65 -12.11
N GLY A 139 23.70 1.22 -12.14
CA GLY A 139 22.47 0.45 -12.11
C GLY A 139 22.13 -0.17 -10.77
N ARG A 140 22.66 0.41 -9.69
CA ARG A 140 22.41 -0.11 -8.35
C ARG A 140 21.25 0.60 -7.64
N TYR A 141 20.82 1.73 -8.19
CA TYR A 141 19.65 2.43 -7.68
C TYR A 141 18.93 3.23 -8.76
N VAL A 142 17.73 3.69 -8.44
CA VAL A 142 16.99 4.58 -9.34
C VAL A 142 16.48 5.79 -8.54
N ASP A 143 16.76 6.98 -9.05
CA ASP A 143 16.24 8.22 -8.49
C ASP A 143 14.90 8.52 -9.14
N ALA A 144 13.86 8.67 -8.33
CA ALA A 144 12.53 8.97 -8.86
C ALA A 144 11.91 10.16 -8.15
N GLY A 145 11.28 11.03 -8.94
CA GLY A 145 10.51 12.13 -8.40
C GLY A 145 9.39 11.60 -7.50
N GLY A 146 9.09 12.33 -6.43
CA GLY A 146 8.03 11.94 -5.51
C GLY A 146 6.67 11.76 -6.16
N GLU A 147 6.45 12.51 -7.25
CA GLU A 147 5.18 12.49 -7.98
C GLU A 147 5.08 11.33 -8.98
N GLN A 148 6.20 10.68 -9.26
CA GLN A 148 6.24 9.62 -10.27
C GLN A 148 5.48 8.40 -9.80
N VAL A 149 4.78 7.74 -10.71
CA VAL A 149 4.08 6.49 -10.40
C VAL A 149 5.02 5.29 -10.58
N TRP A 150 4.80 4.26 -9.76
CA TRP A 150 5.68 3.10 -9.73
C TRP A 150 5.75 2.33 -11.07
N ILE A 151 4.67 2.37 -11.85
CA ILE A 151 4.67 1.75 -13.18
C ILE A 151 5.73 2.40 -14.08
N ASP A 152 5.89 3.71 -13.97
CA ASP A 152 6.89 4.43 -14.76
C ASP A 152 8.30 4.18 -14.22
N VAL A 153 8.42 4.01 -12.91
CA VAL A 153 9.70 3.64 -12.30
C VAL A 153 10.13 2.27 -12.84
N LEU A 154 9.18 1.35 -12.92
CA LEU A 154 9.45 0.02 -13.46
C LEU A 154 9.96 0.09 -14.90
N ARG A 155 9.26 0.84 -15.74
CA ARG A 155 9.58 0.92 -17.16
C ARG A 155 10.98 1.49 -17.39
N ALA A 156 11.31 2.55 -16.66
CA ALA A 156 12.63 3.19 -16.75
C ALA A 156 13.74 2.28 -16.24
N SER A 157 13.45 1.53 -15.18
CA SER A 157 14.40 0.60 -14.59
C SER A 157 14.70 -0.55 -15.55
N LEU A 158 13.65 -1.14 -16.13
CA LEU A 158 13.79 -2.28 -17.04
C LEU A 158 14.57 -1.93 -18.30
N ALA A 159 14.49 -0.66 -18.73
CA ALA A 159 15.27 -0.17 -19.87
C ALA A 159 16.77 -0.27 -19.60
N ARG A 160 17.14 -0.36 -18.33
CA ARG A 160 18.53 -0.50 -17.91
C ARG A 160 18.83 -1.88 -17.31
N GLY A 161 17.90 -2.82 -17.48
CA GLY A 161 18.07 -4.19 -17.04
C GLY A 161 17.91 -4.43 -15.54
N VAL A 162 17.31 -3.47 -14.85
CA VAL A 162 17.16 -3.53 -13.39
C VAL A 162 15.73 -3.27 -12.95
N ALA A 163 15.44 -3.48 -11.67
CA ALA A 163 14.09 -3.24 -11.13
C ALA A 163 14.11 -3.14 -9.61
N PRO A 164 13.27 -2.28 -9.03
CA PRO A 164 13.05 -2.27 -7.58
C PRO A 164 12.73 -3.68 -7.05
N ARG A 165 13.05 -3.93 -5.79
CA ARG A 165 12.92 -5.26 -5.18
C ARG A 165 11.59 -5.43 -4.45
N SER A 166 10.98 -4.33 -4.05
CA SER A 166 9.80 -4.35 -3.20
C SER A 166 8.69 -3.50 -3.82
N TRP A 167 7.50 -4.08 -3.94
CA TRP A 167 6.43 -3.46 -4.71
C TRP A 167 5.14 -3.26 -3.91
N THR A 168 4.16 -2.67 -4.58
CA THR A 168 2.76 -2.73 -4.18
C THR A 168 2.05 -3.61 -5.21
N ASP A 169 0.86 -4.11 -4.86
CA ASP A 169 0.07 -4.96 -5.77
C ASP A 169 -0.39 -4.19 -7.00
N TYR A 170 -0.54 -2.89 -6.86
CA TYR A 170 -1.10 -2.00 -7.86
C TYR A 170 -0.07 -0.90 -8.12
N LEU A 171 0.25 -0.65 -9.38
CA LEU A 171 1.43 0.17 -9.71
C LEU A 171 1.16 1.65 -10.00
N TYR A 172 -0.10 2.03 -10.19
CA TYR A 172 -0.42 3.44 -10.42
C TYR A 172 -0.59 4.19 -9.09
N LEU A 173 0.50 4.23 -8.33
CA LEU A 173 0.60 4.93 -7.06
C LEU A 173 1.91 5.69 -7.10
N THR A 174 2.00 6.81 -6.39
CA THR A 174 3.24 7.59 -6.42
C THR A 174 4.28 7.08 -5.45
N VAL A 175 5.54 7.37 -5.78
CA VAL A 175 6.69 7.09 -4.93
C VAL A 175 6.51 7.76 -3.57
N GLY A 176 6.17 9.05 -3.57
CA GLY A 176 6.00 9.80 -2.33
C GLY A 176 4.82 9.30 -1.51
N GLY A 177 3.75 8.90 -2.20
CA GLY A 177 2.55 8.40 -1.57
C GLY A 177 2.74 7.09 -0.84
N THR A 178 3.36 6.11 -1.51
CA THR A 178 3.56 4.82 -0.84
C THR A 178 4.61 4.90 0.27
N LEU A 179 5.65 5.71 0.05
CA LEU A 179 6.69 5.87 1.06
C LEU A 179 6.21 6.63 2.29
N SER A 180 5.13 7.40 2.14
CA SER A 180 4.51 8.04 3.29
C SER A 180 3.63 7.07 4.09
N ASN A 181 3.44 5.87 3.56
CA ASN A 181 2.66 4.84 4.25
C ASN A 181 3.51 3.63 4.65
N ALA A 182 3.89 2.81 3.66
CA ALA A 182 4.88 1.75 3.85
C ALA A 182 5.23 1.14 2.51
N GLY A 183 4.20 0.74 1.78
CA GLY A 183 4.35 0.12 0.48
C GLY A 183 4.57 -1.36 0.64
N ILE A 184 3.49 -2.13 0.61
CA ILE A 184 3.60 -3.58 0.83
C ILE A 184 3.02 -4.42 -0.32
N SER A 185 3.64 -5.58 -0.51
CA SER A 185 3.17 -6.59 -1.44
C SER A 185 3.82 -7.91 -1.04
N GLY A 186 3.73 -8.90 -1.92
CA GLY A 186 4.26 -10.22 -1.65
C GLY A 186 5.77 -10.37 -1.54
N GLN A 187 6.53 -9.31 -1.86
CA GLN A 187 7.98 -9.33 -1.71
C GLN A 187 8.44 -8.85 -0.35
N ALA A 188 7.55 -8.21 0.40
CA ALA A 188 7.93 -7.54 1.65
C ALA A 188 8.45 -8.48 2.73
N PHE A 189 8.02 -9.73 2.72
CA PHE A 189 8.52 -10.72 3.70
C PHE A 189 10.04 -10.88 3.66
N ARG A 190 10.62 -10.70 2.47
CA ARG A 190 12.06 -10.94 2.29
C ARG A 190 12.89 -9.70 1.99
N HIS A 191 12.25 -8.63 1.51
CA HIS A 191 12.96 -7.40 1.20
C HIS A 191 12.51 -6.24 2.08
N GLY A 192 11.47 -6.46 2.86
CA GLY A 192 10.85 -5.40 3.62
C GLY A 192 9.91 -4.59 2.75
N PRO A 193 9.16 -3.68 3.35
CA PRO A 193 8.27 -2.78 2.60
C PRO A 193 9.10 -1.78 1.80
N GLN A 194 8.45 -0.97 0.98
CA GLN A 194 9.17 -0.02 0.16
C GLN A 194 10.00 0.97 0.99
N ILE A 195 9.51 1.30 2.19
CA ILE A 195 10.26 2.20 3.07
C ILE A 195 11.58 1.62 3.59
N SER A 196 11.75 0.30 3.47
CA SER A 196 13.01 -0.36 3.82
C SER A 196 13.97 -0.46 2.63
N ASN A 197 13.56 0.12 1.51
CA ASN A 197 14.35 0.05 0.28
C ASN A 197 14.64 1.41 -0.33
N VAL A 198 14.82 2.39 0.56
CA VAL A 198 15.13 3.76 0.19
C VAL A 198 16.50 4.12 0.75
N LEU A 199 17.36 4.66 -0.12
CA LEU A 199 18.73 5.02 0.25
C LEU A 199 18.82 6.45 0.79
N GLU A 200 18.07 7.34 0.16
CA GLU A 200 18.04 8.75 0.55
C GLU A 200 16.86 9.45 -0.11
N MET A 201 16.53 10.64 0.40
CA MET A 201 15.43 11.43 -0.14
C MET A 201 15.78 12.91 -0.16
N ASP A 202 15.16 13.64 -1.08
CA ASP A 202 15.07 15.09 -0.98
C ASP A 202 13.69 15.41 -0.42
N VAL A 203 13.67 16.23 0.63
CA VAL A 203 12.42 16.58 1.30
C VAL A 203 12.37 18.10 1.50
N ILE A 204 11.25 18.73 1.16
CA ILE A 204 11.03 20.11 1.57
C ILE A 204 10.15 20.09 2.82
N THR A 205 10.70 20.59 3.93
CA THR A 205 10.00 20.55 5.21
C THR A 205 8.90 21.61 5.32
N GLY A 206 8.17 21.57 6.42
CA GLY A 206 7.16 22.59 6.72
C GLY A 206 7.76 23.97 6.99
N HIS A 207 9.08 24.03 7.13
CA HIS A 207 9.80 25.30 7.24
C HIS A 207 10.16 25.87 5.88
N GLY A 208 9.89 25.11 4.82
CA GLY A 208 10.20 25.52 3.46
C GLY A 208 11.66 25.34 3.10
N GLU A 209 12.35 24.46 3.83
CA GLU A 209 13.75 24.17 3.60
C GLU A 209 13.90 22.85 2.84
N MET A 210 14.66 22.90 1.74
CA MET A 210 14.99 21.68 0.99
C MET A 210 16.14 20.96 1.70
N VAL A 211 15.89 19.70 2.06
CA VAL A 211 16.83 18.92 2.86
C VAL A 211 17.03 17.55 2.20
N THR A 212 18.29 17.16 2.05
CA THR A 212 18.62 15.79 1.64
C THR A 212 18.85 14.96 2.90
N CYS A 213 18.18 13.82 2.99
CA CYS A 213 18.25 12.99 4.19
C CYS A 213 18.50 11.52 3.87
N SER A 214 19.15 10.84 4.81
CA SER A 214 19.50 9.44 4.70
C SER A 214 19.87 8.96 6.10
N LYS A 215 20.30 7.70 6.23
CA LYS A 215 20.78 7.19 7.51
C LYS A 215 22.06 7.90 7.98
N GLN A 216 22.77 8.51 7.05
CA GLN A 216 24.05 9.16 7.33
C GLN A 216 23.94 10.67 7.53
N LEU A 217 22.82 11.25 7.10
CA LEU A 217 22.64 12.70 7.12
C LEU A 217 21.17 13.05 7.33
N ASN A 218 20.90 13.91 8.33
CA ASN A 218 19.54 14.26 8.72
C ASN A 218 18.66 13.01 8.90
N ALA A 219 19.22 12.02 9.60
CA ALA A 219 18.56 10.72 9.81
C ALA A 219 17.22 10.82 10.54
N ASP A 220 17.08 11.84 11.39
CA ASP A 220 15.84 12.08 12.12
C ASP A 220 14.68 12.38 11.16
N LEU A 221 14.94 13.23 10.15
CA LEU A 221 13.95 13.54 9.12
C LEU A 221 13.70 12.32 8.23
N PHE A 222 14.76 11.64 7.84
CA PHE A 222 14.67 10.41 7.02
C PHE A 222 13.71 9.41 7.67
N ASP A 223 13.97 9.07 8.92
CA ASP A 223 13.13 8.14 9.67
C ASP A 223 11.69 8.62 9.85
N ALA A 224 11.54 9.92 10.11
CA ALA A 224 10.22 10.51 10.33
C ALA A 224 9.33 10.46 9.09
N VAL A 225 9.92 10.81 7.95
CA VAL A 225 9.18 10.91 6.69
C VAL A 225 8.70 9.53 6.20
N LEU A 226 9.52 8.52 6.42
CA LEU A 226 9.19 7.17 5.96
C LEU A 226 8.09 6.56 6.83
N GLY A 227 6.92 6.39 6.23
CA GLY A 227 5.72 5.99 6.95
C GLY A 227 5.12 7.14 7.74
N GLY A 228 5.57 8.36 7.43
CA GLY A 228 5.24 9.54 8.21
C GLY A 228 3.96 10.26 7.82
N LEU A 229 3.21 9.68 6.90
CA LEU A 229 1.85 10.14 6.58
C LEU A 229 1.78 11.59 6.11
N GLY A 230 2.85 12.04 5.44
CA GLY A 230 2.93 13.37 4.88
C GLY A 230 2.96 14.50 5.90
N GLN A 231 3.38 14.18 7.12
CA GLN A 231 3.27 15.13 8.24
C GLN A 231 4.44 16.11 8.36
N PHE A 232 5.59 15.79 7.77
CA PHE A 232 6.83 16.50 8.09
C PHE A 232 7.44 17.26 6.92
N GLY A 233 6.94 16.98 5.72
CA GLY A 233 7.48 17.57 4.51
C GLY A 233 7.08 16.78 3.29
N VAL A 234 7.41 17.31 2.13
CA VAL A 234 7.09 16.67 0.86
C VAL A 234 8.33 16.01 0.25
N ILE A 235 8.20 14.72 -0.09
CA ILE A 235 9.26 13.99 -0.79
C ILE A 235 9.25 14.41 -2.25
N THR A 236 10.33 15.04 -2.69
CA THR A 236 10.45 15.47 -4.09
C THR A 236 11.29 14.49 -4.90
N ARG A 237 12.12 13.72 -4.20
CA ARG A 237 12.96 12.70 -4.83
C ARG A 237 13.25 11.59 -3.83
N ALA A 238 13.17 10.34 -4.28
CA ALA A 238 13.59 9.21 -3.47
C ALA A 238 14.56 8.32 -4.26
N ARG A 239 15.62 7.90 -3.58
CA ARG A 239 16.60 6.97 -4.13
C ARG A 239 16.19 5.55 -3.78
N ILE A 240 15.81 4.78 -4.79
CA ILE A 240 15.24 3.45 -4.59
C ILE A 240 16.24 2.36 -4.98
N ALA A 241 16.43 1.40 -4.08
CA ALA A 241 17.29 0.25 -4.35
C ALA A 241 16.74 -0.60 -5.49
N VAL A 242 17.61 -1.08 -6.37
CA VAL A 242 17.20 -1.99 -7.44
C VAL A 242 18.04 -3.26 -7.45
N GLU A 243 17.56 -4.27 -8.19
CA GLU A 243 18.26 -5.53 -8.40
C GLU A 243 18.27 -5.84 -9.89
N PRO A 244 19.17 -6.71 -10.36
CA PRO A 244 19.09 -7.17 -11.75
C PRO A 244 17.69 -7.74 -12.01
N ALA A 245 17.05 -7.30 -13.10
CA ALA A 245 15.67 -7.65 -13.38
C ALA A 245 15.54 -9.11 -13.83
N PRO A 246 14.68 -9.87 -13.16
CA PRO A 246 14.32 -11.21 -13.67
C PRO A 246 13.52 -11.07 -14.96
N ALA A 247 13.62 -12.06 -15.83
CA ALA A 247 12.92 -12.03 -17.11
C ALA A 247 11.49 -12.51 -16.97
N ARG A 248 11.31 -13.55 -16.16
CA ARG A 248 10.02 -14.24 -16.08
C ARG A 248 9.63 -14.62 -14.66
N ALA A 249 8.36 -14.96 -14.48
CA ALA A 249 7.86 -15.44 -13.20
C ALA A 249 7.00 -16.68 -13.38
N ARG A 250 7.38 -17.75 -12.69
CA ARG A 250 6.50 -18.90 -12.54
C ARG A 250 5.52 -18.55 -11.42
N TRP A 251 4.24 -18.63 -11.73
CA TRP A 251 3.18 -18.02 -10.93
C TRP A 251 2.17 -19.10 -10.54
N VAL A 252 2.08 -19.37 -9.24
CA VAL A 252 1.25 -20.48 -8.74
C VAL A 252 0.16 -20.07 -7.76
N ARG A 253 -0.96 -20.79 -7.79
CA ARG A 253 -1.98 -20.68 -6.77
C ARG A 253 -2.25 -22.07 -6.19
N PHE A 254 -2.24 -22.15 -4.86
CA PHE A 254 -2.46 -23.42 -4.14
C PHE A 254 -3.71 -23.32 -3.28
N VAL A 255 -4.55 -24.36 -3.34
CA VAL A 255 -5.85 -24.31 -2.68
C VAL A 255 -5.90 -25.16 -1.41
N TYR A 256 -6.50 -24.57 -0.37
CA TYR A 256 -6.68 -25.19 0.95
C TYR A 256 -8.13 -25.05 1.37
N THR A 257 -8.60 -25.97 2.19
CA THR A 257 -9.88 -25.80 2.89
C THR A 257 -9.63 -25.64 4.40
N ASP A 258 -8.39 -25.86 4.81
CA ASP A 258 -7.99 -25.80 6.21
C ASP A 258 -7.09 -24.59 6.48
N PHE A 259 -7.58 -23.65 7.30
CA PHE A 259 -6.81 -22.44 7.60
C PHE A 259 -5.47 -22.72 8.26
N ALA A 260 -5.43 -23.67 9.18
CA ALA A 260 -4.20 -24.02 9.89
C ALA A 260 -3.10 -24.47 8.92
N ALA A 261 -3.47 -25.30 7.95
CA ALA A 261 -2.53 -25.75 6.92
C ALA A 261 -2.12 -24.60 6.01
N PHE A 262 -3.09 -23.76 5.65
CA PHE A 262 -2.88 -22.60 4.80
C PHE A 262 -1.88 -21.61 5.42
N SER A 263 -2.15 -21.20 6.65
CA SER A 263 -1.29 -20.24 7.36
C SER A 263 0.08 -20.83 7.70
N ALA A 264 0.13 -22.11 8.07
CA ALA A 264 1.40 -22.77 8.36
C ALA A 264 2.30 -22.80 7.13
N ASP A 265 1.70 -23.07 5.96
CA ASP A 265 2.46 -23.13 4.72
C ASP A 265 2.95 -21.75 4.28
N GLN A 266 2.12 -20.73 4.46
CA GLN A 266 2.55 -19.35 4.20
C GLN A 266 3.77 -18.99 5.04
N GLU A 267 3.73 -19.36 6.31
CA GLU A 267 4.82 -19.08 7.24
C GLU A 267 6.08 -19.88 6.89
N ARG A 268 5.89 -21.10 6.39
CA ARG A 268 7.00 -21.94 5.91
C ARG A 268 7.71 -21.28 4.72
N LEU A 269 6.92 -20.82 3.75
CA LEU A 269 7.44 -20.20 2.54
C LEU A 269 8.18 -18.89 2.80
N THR A 270 7.78 -18.19 3.86
CA THR A 270 8.33 -16.86 4.16
C THR A 270 9.32 -16.85 5.33
N ALA A 271 9.62 -18.03 5.87
CA ALA A 271 10.53 -18.15 7.02
C ALA A 271 11.97 -17.84 6.65
N PRO A 272 12.69 -17.15 7.55
CA PRO A 272 14.14 -16.94 7.38
C PRO A 272 14.89 -18.26 7.43
N ARG A 273 16.01 -18.34 6.70
CA ARG A 273 16.84 -19.55 6.68
C ARG A 273 17.82 -19.60 7.85
N SER A 280 18.66 -14.48 5.08
CA SER A 280 18.47 -15.39 3.96
C SER A 280 17.06 -15.95 3.97
N PHE A 281 16.48 -16.12 2.77
CA PHE A 281 15.12 -16.62 2.64
C PHE A 281 15.03 -17.77 1.62
N GLY A 282 13.86 -18.42 1.58
CA GLY A 282 13.61 -19.52 0.66
C GLY A 282 13.55 -19.08 -0.80
N PRO A 283 13.23 -20.02 -1.69
CA PRO A 283 13.25 -19.74 -3.13
C PRO A 283 12.17 -18.77 -3.63
N MET A 284 11.00 -18.74 -2.98
CA MET A 284 9.88 -17.93 -3.46
C MET A 284 10.17 -16.43 -3.44
N SER A 285 9.81 -15.76 -4.54
CA SER A 285 10.05 -14.34 -4.73
C SER A 285 8.90 -13.48 -4.19
N TYR A 286 7.72 -14.09 -4.07
CA TYR A 286 6.48 -13.40 -3.76
C TYR A 286 5.55 -14.41 -3.11
N VAL A 287 4.97 -14.03 -1.97
CA VAL A 287 3.99 -14.88 -1.30
C VAL A 287 2.83 -14.02 -0.79
N GLU A 288 1.64 -14.29 -1.31
CA GLU A 288 0.42 -13.71 -0.77
C GLU A 288 -0.61 -14.82 -0.56
N GLY A 289 -1.81 -14.44 -0.17
CA GLY A 289 -2.88 -15.39 0.04
C GLY A 289 -4.24 -14.72 -0.08
N SER A 290 -5.26 -15.54 -0.33
CA SER A 290 -6.62 -15.05 -0.52
C SER A 290 -7.62 -15.91 0.25
N VAL A 291 -8.71 -15.29 0.69
CA VAL A 291 -9.80 -16.00 1.39
C VAL A 291 -11.08 -15.89 0.57
N PHE A 292 -11.80 -17.01 0.46
CA PHE A 292 -13.05 -17.07 -0.29
C PHE A 292 -14.16 -17.64 0.57
N VAL A 293 -15.20 -16.84 0.80
CA VAL A 293 -16.35 -17.29 1.58
C VAL A 293 -17.33 -18.08 0.71
N ASN A 294 -18.05 -19.00 1.33
CA ASN A 294 -18.93 -19.93 0.62
C ASN A 294 -19.97 -19.28 -0.29
N GLN A 295 -20.66 -18.26 0.22
CA GLN A 295 -21.77 -17.64 -0.51
C GLN A 295 -21.39 -17.09 -1.89
N SER A 296 -20.21 -16.48 -1.98
CA SER A 296 -19.74 -15.90 -3.23
C SER A 296 -18.51 -16.62 -3.79
N LEU A 297 -18.41 -17.92 -3.49
CA LEU A 297 -17.23 -18.72 -3.85
C LEU A 297 -16.88 -18.69 -5.33
N ALA A 298 -17.81 -19.15 -6.17
CA ALA A 298 -17.58 -19.23 -7.62
C ALA A 298 -17.27 -17.86 -8.25
N THR A 299 -18.04 -16.85 -7.85
CA THR A 299 -17.86 -15.48 -8.33
C THR A 299 -16.49 -14.92 -7.96
N ASP A 300 -16.13 -15.06 -6.67
CA ASP A 300 -14.86 -14.54 -6.16
C ASP A 300 -13.65 -15.24 -6.75
N LEU A 301 -13.78 -16.55 -6.99
CA LEU A 301 -12.69 -17.32 -7.62
C LEU A 301 -12.48 -16.89 -9.07
N ALA A 302 -13.58 -16.64 -9.78
CA ALA A 302 -13.53 -16.15 -11.16
C ALA A 302 -12.96 -14.73 -11.22
N ASN A 303 -13.22 -13.95 -10.18
CA ASN A 303 -12.77 -12.56 -10.10
C ASN A 303 -11.27 -12.38 -9.86
N THR A 304 -10.57 -13.47 -9.53
CA THR A 304 -9.11 -13.42 -9.36
C THR A 304 -8.40 -13.22 -10.70
N GLY A 305 -9.02 -13.70 -11.77
CA GLY A 305 -8.44 -13.63 -13.11
C GLY A 305 -7.41 -14.72 -13.36
N PHE A 306 -7.20 -15.56 -12.36
CA PHE A 306 -6.19 -16.62 -12.42
C PHE A 306 -6.79 -17.94 -12.88
N PHE A 307 -7.94 -18.29 -12.32
CA PHE A 307 -8.59 -19.56 -12.61
C PHE A 307 -9.48 -19.48 -13.85
N THR A 308 -9.45 -20.53 -14.66
CA THR A 308 -10.40 -20.68 -15.76
C THR A 308 -11.73 -21.16 -15.18
N ASP A 309 -12.78 -21.17 -16.00
CA ASP A 309 -14.09 -21.66 -15.57
C ASP A 309 -14.06 -23.12 -15.12
N ALA A 310 -13.23 -23.92 -15.79
CA ALA A 310 -13.03 -25.32 -15.43
C ALA A 310 -12.34 -25.45 -14.07
N ASP A 311 -11.34 -24.59 -13.83
CA ASP A 311 -10.63 -24.53 -12.55
C ASP A 311 -11.58 -24.17 -11.41
N VAL A 312 -12.40 -23.14 -11.63
CA VAL A 312 -13.38 -22.69 -10.64
C VAL A 312 -14.34 -23.82 -10.26
N ALA A 313 -14.86 -24.52 -11.28
CA ALA A 313 -15.77 -25.65 -11.09
C ALA A 313 -15.14 -26.75 -10.21
N ARG A 314 -13.85 -27.00 -10.41
CA ARG A 314 -13.13 -28.01 -9.65
C ARG A 314 -13.00 -27.63 -8.17
N ILE A 315 -12.73 -26.36 -7.90
CA ILE A 315 -12.60 -25.85 -6.53
C ILE A 315 -13.95 -25.81 -5.82
N VAL A 316 -15.00 -25.41 -6.54
CA VAL A 316 -16.36 -25.40 -5.99
C VAL A 316 -16.77 -26.82 -5.58
N ALA A 317 -16.44 -27.80 -6.43
CA ALA A 317 -16.72 -29.21 -6.17
C ALA A 317 -15.97 -29.72 -4.95
N LEU A 318 -14.70 -29.30 -4.80
CA LEU A 318 -13.89 -29.66 -3.65
C LEU A 318 -14.46 -29.11 -2.34
N ALA A 319 -14.86 -27.84 -2.36
CA ALA A 319 -15.47 -27.20 -1.19
C ALA A 319 -16.79 -27.88 -0.82
N GLY A 320 -17.54 -28.29 -1.83
CA GLY A 320 -18.81 -28.98 -1.65
C GLY A 320 -18.67 -30.34 -0.99
N GLU A 321 -17.71 -31.14 -1.47
CA GLU A 321 -17.48 -32.49 -0.93
C GLU A 321 -16.97 -32.46 0.51
N ARG A 322 -16.34 -31.35 0.91
CA ARG A 322 -15.80 -31.20 2.25
C ARG A 322 -16.69 -30.33 3.16
N ASN A 323 -17.80 -29.83 2.61
CA ASN A 323 -18.69 -28.89 3.30
C ASN A 323 -17.95 -27.69 3.93
N ALA A 324 -17.00 -27.15 3.18
CA ALA A 324 -16.19 -26.03 3.64
C ALA A 324 -16.95 -24.72 3.47
N THR A 325 -16.93 -23.90 4.52
CA THR A 325 -17.54 -22.57 4.47
C THR A 325 -16.56 -21.54 3.97
N THR A 326 -15.27 -21.88 4.03
CA THR A 326 -14.19 -21.00 3.56
C THR A 326 -13.17 -21.80 2.75
N VAL A 327 -12.69 -21.17 1.68
CA VAL A 327 -11.59 -21.72 0.88
C VAL A 327 -10.43 -20.71 0.93
N TYR A 328 -9.21 -21.23 0.97
CA TYR A 328 -8.01 -20.40 1.03
C TYR A 328 -7.08 -20.72 -0.13
N SER A 329 -6.39 -19.69 -0.62
CA SER A 329 -5.41 -19.89 -1.69
C SER A 329 -4.11 -19.14 -1.42
N ILE A 330 -2.99 -19.86 -1.48
CA ILE A 330 -1.67 -19.23 -1.48
C ILE A 330 -1.35 -18.83 -2.93
N GLU A 331 -0.89 -17.60 -3.10
CA GLU A 331 -0.39 -17.14 -4.38
C GLU A 331 1.11 -16.88 -4.23
N ALA A 332 1.91 -17.53 -5.08
CA ALA A 332 3.36 -17.40 -4.99
C ALA A 332 4.03 -17.35 -6.35
N THR A 333 5.19 -16.71 -6.42
CA THR A 333 5.98 -16.75 -7.65
C THR A 333 7.41 -17.15 -7.41
N LEU A 334 8.03 -17.66 -8.46
CA LEU A 334 9.47 -17.90 -8.51
C LEU A 334 10.00 -17.17 -9.73
N ASN A 335 10.80 -16.13 -9.48
CA ASN A 335 11.41 -15.34 -10.54
C ASN A 335 12.61 -16.06 -11.14
N TYR A 336 12.76 -15.96 -12.46
CA TYR A 336 13.90 -16.59 -13.14
C TYR A 336 14.30 -15.88 -14.44
N ALA A 344 13.12 -26.35 -17.27
CA ALA A 344 13.48 -27.64 -16.70
C ALA A 344 14.05 -27.48 -15.29
N ALA A 345 14.93 -26.49 -15.12
CA ALA A 345 15.50 -26.16 -13.82
C ALA A 345 14.44 -25.56 -12.90
N VAL A 346 13.60 -24.69 -13.46
CA VAL A 346 12.49 -24.08 -12.73
C VAL A 346 11.51 -25.17 -12.29
N ASP A 347 11.23 -26.12 -13.17
CA ASP A 347 10.32 -27.23 -12.87
C ASP A 347 10.72 -27.99 -11.61
N GLN A 348 12.00 -28.35 -11.50
CA GLN A 348 12.49 -29.08 -10.34
C GLN A 348 12.54 -28.21 -9.08
N GLU A 349 12.97 -26.96 -9.24
CA GLU A 349 12.99 -26.02 -8.12
C GLU A 349 11.58 -25.87 -7.53
N LEU A 350 10.60 -25.66 -8.41
CA LEU A 350 9.21 -25.54 -7.98
C LEU A 350 8.71 -26.83 -7.31
N ALA A 351 8.99 -27.97 -7.93
CA ALA A 351 8.57 -29.27 -7.38
C ALA A 351 9.12 -29.49 -5.98
N SER A 352 10.37 -29.10 -5.77
CA SER A 352 11.03 -29.23 -4.46
C SER A 352 10.35 -28.38 -3.38
N VAL A 353 10.02 -27.14 -3.71
CA VAL A 353 9.33 -26.25 -2.78
C VAL A 353 7.92 -26.76 -2.46
N LEU A 354 7.17 -27.12 -3.50
CA LEU A 354 5.80 -27.60 -3.32
C LEU A 354 5.72 -28.87 -2.49
N GLY A 355 6.76 -29.68 -2.59
CA GLY A 355 6.88 -30.92 -1.82
C GLY A 355 6.95 -30.71 -0.32
N THR A 356 7.28 -29.49 0.11
CA THR A 356 7.30 -29.14 1.53
C THR A 356 5.93 -28.69 2.05
N LEU A 357 4.99 -28.50 1.13
CA LEU A 357 3.68 -27.92 1.46
C LEU A 357 2.57 -28.97 1.61
N SER A 358 1.40 -28.52 2.04
CA SER A 358 0.27 -29.40 2.37
C SER A 358 -1.05 -28.93 1.77
N TYR A 359 -1.00 -28.30 0.60
CA TYR A 359 -2.21 -27.94 -0.14
C TYR A 359 -2.90 -29.22 -0.63
N VAL A 360 -4.16 -29.10 -1.03
CA VAL A 360 -4.92 -30.26 -1.49
C VAL A 360 -4.36 -30.75 -2.81
N GLU A 361 -3.99 -32.03 -2.85
CA GLU A 361 -3.41 -32.61 -4.07
C GLU A 361 -4.34 -32.47 -5.26
N GLY A 362 -3.77 -32.03 -6.38
CA GLY A 362 -4.53 -31.75 -7.59
C GLY A 362 -4.96 -30.29 -7.68
N PHE A 363 -4.58 -29.50 -6.68
CA PHE A 363 -5.00 -28.09 -6.64
C PHE A 363 -3.84 -27.10 -6.58
N ALA A 364 -2.79 -27.42 -7.34
CA ALA A 364 -1.75 -26.46 -7.67
C ALA A 364 -2.00 -26.01 -9.10
N PHE A 365 -2.17 -24.70 -9.27
CA PHE A 365 -2.47 -24.12 -10.57
C PHE A 365 -1.31 -23.22 -10.99
N GLN A 366 -0.90 -23.32 -12.25
CA GLN A 366 0.33 -22.71 -12.72
C GLN A 366 0.12 -21.75 -13.89
N ARG A 367 0.84 -20.64 -13.84
CA ARG A 367 0.98 -19.73 -14.99
C ARG A 367 2.47 -19.40 -15.13
N ASP A 368 2.87 -19.04 -16.34
CA ASP A 368 4.24 -18.59 -16.59
C ASP A 368 4.19 -17.33 -17.43
N VAL A 369 4.65 -16.22 -16.85
CA VAL A 369 4.51 -14.91 -17.48
C VAL A 369 5.81 -14.11 -17.44
N ALA A 370 5.89 -13.07 -18.27
CA ALA A 370 6.98 -12.12 -18.20
C ALA A 370 6.90 -11.38 -16.86
N TYR A 371 8.05 -11.07 -16.28
CA TYR A 371 8.12 -10.40 -14.98
C TYR A 371 7.29 -9.13 -14.91
N ALA A 372 7.42 -8.27 -15.93
CA ALA A 372 6.69 -7.00 -15.99
C ALA A 372 5.18 -7.21 -16.06
N ALA A 373 4.77 -8.25 -16.77
CA ALA A 373 3.35 -8.60 -16.90
C ALA A 373 2.78 -9.02 -15.54
N PHE A 374 3.55 -9.76 -14.75
CA PHE A 374 3.12 -10.11 -13.40
C PHE A 374 2.98 -8.87 -12.53
N LEU A 375 3.98 -8.00 -12.54
CA LEU A 375 3.97 -6.82 -11.67
C LEU A 375 2.81 -5.87 -11.96
N ASP A 376 2.45 -5.75 -13.24
CA ASP A 376 1.37 -4.84 -13.65
C ASP A 376 0.02 -5.54 -13.82
N ARG A 377 -0.12 -6.73 -13.24
CA ARG A 377 -1.31 -7.57 -13.40
C ARG A 377 -2.65 -6.89 -13.07
N VAL A 378 -2.65 -6.01 -12.06
CA VAL A 378 -3.89 -5.38 -11.61
C VAL A 378 -4.39 -4.29 -12.58
N HIS A 379 -3.49 -3.74 -13.40
CA HIS A 379 -3.89 -2.74 -14.39
C HIS A 379 -4.98 -3.28 -15.31
N GLY A 380 -4.81 -4.51 -15.79
CA GLY A 380 -5.79 -5.17 -16.63
C GLY A 380 -7.12 -5.39 -15.92
N GLU A 381 -7.05 -5.61 -14.60
CA GLU A 381 -8.25 -5.76 -13.77
C GLU A 381 -9.03 -4.44 -13.70
N GLU A 382 -8.32 -3.33 -13.52
CA GLU A 382 -8.94 -2.01 -13.47
C GLU A 382 -9.65 -1.67 -14.78
N VAL A 383 -8.97 -1.90 -15.91
CA VAL A 383 -9.51 -1.61 -17.23
C VAL A 383 -10.85 -2.33 -17.44
N ALA A 384 -10.86 -3.62 -17.13
CA ALA A 384 -12.05 -4.45 -17.29
C ALA A 384 -13.20 -4.03 -16.36
N LEU A 385 -12.88 -3.75 -15.10
CA LEU A 385 -13.88 -3.35 -14.13
C LEU A 385 -14.48 -1.97 -14.41
N ASN A 386 -13.64 -1.05 -14.89
CA ASN A 386 -14.08 0.29 -15.26
C ASN A 386 -15.03 0.30 -16.46
N LYS A 387 -14.83 -0.65 -17.37
CA LYS A 387 -15.71 -0.83 -18.53
C LYS A 387 -17.12 -1.27 -18.10
N LEU A 388 -17.20 -2.02 -17.01
CA LEU A 388 -18.47 -2.45 -16.43
C LEU A 388 -19.00 -1.45 -15.41
N GLY A 389 -18.25 -0.37 -15.18
CA GLY A 389 -18.61 0.66 -14.23
C GLY A 389 -18.49 0.21 -12.79
N LEU A 390 -17.57 -0.71 -12.54
CA LEU A 390 -17.41 -1.33 -11.22
C LEU A 390 -16.09 -0.95 -10.52
N TRP A 391 -15.35 -0.03 -11.13
CA TRP A 391 -14.11 0.47 -10.54
C TRP A 391 -14.33 1.74 -9.72
N ARG A 392 -14.99 2.73 -10.34
CA ARG A 392 -15.24 4.02 -9.67
C ARG A 392 -16.48 3.94 -8.79
N VAL A 393 -16.37 3.16 -7.71
CA VAL A 393 -17.44 2.96 -6.73
C VAL A 393 -16.85 3.20 -5.34
N PRO A 394 -17.69 3.34 -4.30
CA PRO A 394 -17.18 3.47 -2.93
C PRO A 394 -16.34 2.26 -2.52
N HIS A 395 -15.23 2.52 -1.85
CA HIS A 395 -14.30 1.47 -1.42
C HIS A 395 -14.07 1.52 0.08
N PRO A 396 -14.98 0.93 0.86
CA PRO A 396 -14.82 0.85 2.32
C PRO A 396 -13.84 -0.26 2.69
N TRP A 397 -12.59 -0.07 2.31
CA TRP A 397 -11.55 -1.07 2.52
C TRP A 397 -11.12 -1.14 3.98
N LEU A 398 -10.85 -2.35 4.45
CA LEU A 398 -10.30 -2.54 5.78
C LEU A 398 -8.92 -3.17 5.66
N ASN A 399 -7.91 -2.45 6.13
CA ASN A 399 -6.53 -2.91 6.07
C ASN A 399 -5.90 -2.88 7.45
N MET A 400 -5.32 -4.01 7.86
CA MET A 400 -4.64 -4.06 9.15
C MET A 400 -3.51 -5.09 9.19
N PHE A 401 -2.66 -4.95 10.19
CA PHE A 401 -1.61 -5.92 10.48
C PHE A 401 -2.02 -6.67 11.74
N VAL A 402 -2.14 -7.99 11.63
CA VAL A 402 -2.60 -8.84 12.73
C VAL A 402 -1.45 -9.75 13.19
N PRO A 403 -1.12 -9.73 14.49
CA PRO A 403 -0.04 -10.58 15.01
C PRO A 403 -0.30 -12.06 14.76
N ARG A 404 0.78 -12.80 14.47
CA ARG A 404 0.70 -14.22 14.16
C ARG A 404 -0.06 -15.04 15.22
N SER A 405 0.19 -14.74 16.49
CA SER A 405 -0.42 -15.47 17.59
C SER A 405 -1.95 -15.42 17.62
N ARG A 406 -2.53 -14.45 16.92
CA ARG A 406 -3.99 -14.26 16.92
C ARG A 406 -4.66 -14.42 15.55
N ILE A 407 -3.90 -14.84 14.53
CA ILE A 407 -4.46 -14.92 13.18
C ILE A 407 -5.52 -16.02 13.02
N ALA A 408 -5.36 -17.14 13.72
CA ALA A 408 -6.37 -18.19 13.74
C ALA A 408 -7.67 -17.71 14.40
N ASP A 409 -7.53 -16.92 15.47
CA ASP A 409 -8.68 -16.29 16.12
C ASP A 409 -9.39 -15.32 15.17
N PHE A 410 -8.61 -14.52 14.45
CA PHE A 410 -9.16 -13.60 13.45
C PHE A 410 -9.93 -14.37 12.37
N ASP A 411 -9.36 -15.48 11.93
CA ASP A 411 -10.01 -16.32 10.92
C ASP A 411 -11.35 -16.85 11.40
N ARG A 412 -11.39 -17.31 12.65
CA ARG A 412 -12.61 -17.84 13.27
C ARG A 412 -13.70 -16.78 13.38
N GLY A 413 -13.32 -15.59 13.84
CA GLY A 413 -14.26 -14.51 14.08
C GLY A 413 -14.74 -13.75 12.85
N VAL A 414 -13.87 -13.65 11.84
CA VAL A 414 -14.15 -12.80 10.67
C VAL A 414 -14.48 -13.61 9.42
N PHE A 415 -13.59 -14.51 9.02
CA PHE A 415 -13.77 -15.28 7.79
C PHE A 415 -14.80 -16.40 7.97
N LYS A 416 -14.75 -17.05 9.12
CA LYS A 416 -15.69 -18.13 9.46
C LYS A 416 -16.91 -17.59 10.20
N GLY A 417 -16.87 -16.31 10.56
CA GLY A 417 -17.92 -15.68 11.34
C GLY A 417 -18.61 -14.54 10.62
N ILE A 418 -18.16 -13.32 10.87
CA ILE A 418 -18.82 -12.10 10.43
C ILE A 418 -19.13 -12.06 8.92
N LEU A 419 -18.17 -12.47 8.10
CA LEU A 419 -18.31 -12.36 6.64
C LEU A 419 -19.15 -13.46 5.99
N GLN A 420 -19.49 -14.48 6.77
CA GLN A 420 -20.31 -15.59 6.26
C GLN A 420 -21.73 -15.14 5.94
N GLY A 421 -22.27 -15.65 4.83
CA GLY A 421 -23.62 -15.35 4.42
C GLY A 421 -23.80 -14.00 3.75
N THR A 422 -22.70 -13.41 3.28
CA THR A 422 -22.73 -12.15 2.56
C THR A 422 -22.18 -12.32 1.14
N ASP A 423 -22.62 -11.46 0.23
CA ASP A 423 -22.09 -11.43 -1.14
C ASP A 423 -20.88 -10.51 -1.18
N ILE A 424 -19.69 -11.09 -1.22
CA ILE A 424 -18.46 -10.31 -1.18
C ILE A 424 -17.96 -9.97 -2.59
N VAL A 425 -17.71 -8.69 -2.82
CA VAL A 425 -17.13 -8.20 -4.06
C VAL A 425 -15.81 -7.51 -3.71
N GLY A 426 -14.73 -8.01 -4.30
CA GLY A 426 -13.39 -7.54 -3.98
C GLY A 426 -12.61 -8.63 -3.27
N PRO A 427 -11.28 -8.60 -3.38
CA PRO A 427 -10.44 -9.64 -2.78
C PRO A 427 -10.32 -9.52 -1.26
N LEU A 428 -10.18 -10.67 -0.60
CA LEU A 428 -9.83 -10.73 0.81
C LEU A 428 -8.43 -11.31 0.88
N ILE A 429 -7.46 -10.46 1.17
CA ILE A 429 -6.04 -10.79 1.08
C ILE A 429 -5.43 -10.98 2.47
N VAL A 430 -4.68 -12.07 2.64
CA VAL A 430 -4.06 -12.40 3.92
C VAL A 430 -2.69 -13.03 3.66
N TYR A 431 -1.64 -12.47 4.24
CA TYR A 431 -0.29 -13.03 4.13
C TYR A 431 0.67 -12.54 5.21
N PRO A 432 1.62 -13.40 5.61
CA PRO A 432 2.57 -13.06 6.67
C PRO A 432 3.70 -12.12 6.23
N LEU A 433 4.18 -11.33 7.19
CA LEU A 433 5.31 -10.44 7.00
C LEU A 433 6.32 -10.65 8.12
N ASN A 434 7.59 -10.40 7.85
CA ASN A 434 8.64 -10.55 8.85
C ASN A 434 9.07 -9.20 9.42
N LYS A 435 8.84 -9.02 10.73
CA LYS A 435 9.19 -7.77 11.42
C LYS A 435 10.66 -7.37 11.28
N SER A 436 11.54 -8.38 11.15
CA SER A 436 12.98 -8.16 10.99
C SER A 436 13.33 -7.29 9.80
N MET A 437 12.44 -7.23 8.81
CA MET A 437 12.67 -6.49 7.58
C MET A 437 12.12 -5.06 7.64
N TRP A 438 11.55 -4.72 8.80
CA TRP A 438 11.03 -3.38 9.07
C TRP A 438 11.95 -2.64 10.04
N ASP A 439 12.09 -1.34 9.84
CA ASP A 439 12.87 -0.48 10.72
C ASP A 439 11.92 0.22 11.69
N ASP A 440 11.92 -0.19 12.96
CA ASP A 440 11.01 0.39 13.94
C ASP A 440 11.32 1.84 14.31
N GLY A 441 12.47 2.33 13.86
CA GLY A 441 12.84 3.73 14.02
C GLY A 441 12.10 4.66 13.07
N MET A 442 11.55 4.09 12.01
CA MET A 442 10.73 4.84 11.06
C MET A 442 9.32 5.03 11.62
N SER A 443 8.57 5.98 11.05
CA SER A 443 7.25 6.33 11.58
C SER A 443 6.20 5.21 11.47
N ALA A 444 6.32 4.35 10.46
CA ALA A 444 5.34 3.27 10.27
C ALA A 444 5.20 2.40 11.52
N ALA A 445 3.96 2.08 11.87
CA ALA A 445 3.67 1.29 13.06
C ALA A 445 3.26 -0.14 12.71
N THR A 446 3.92 -1.10 13.35
CA THR A 446 3.60 -2.51 13.16
C THR A 446 3.40 -3.22 14.50
N PRO A 447 2.76 -4.39 14.50
CA PRO A 447 2.65 -5.20 15.72
C PRO A 447 4.01 -5.63 16.28
N SER A 448 4.02 -6.02 17.55
CA SER A 448 5.26 -6.31 18.26
C SER A 448 5.89 -7.67 17.90
N GLU A 449 5.07 -8.58 17.38
CA GLU A 449 5.52 -9.96 17.14
C GLU A 449 6.44 -10.08 15.92
N ASP A 450 7.30 -11.11 15.93
CA ASP A 450 8.27 -11.35 14.87
C ASP A 450 7.60 -11.55 13.51
N VAL A 451 6.42 -12.18 13.53
CA VAL A 451 5.62 -12.38 12.34
C VAL A 451 4.23 -11.77 12.58
N PHE A 452 3.77 -11.00 11.61
CA PHE A 452 2.40 -10.48 11.61
C PHE A 452 1.85 -10.55 10.19
N TYR A 453 0.53 -10.58 10.07
CA TYR A 453 -0.13 -10.75 8.79
C TYR A 453 -0.69 -9.45 8.27
N ALA A 454 -0.46 -9.19 6.99
CA ALA A 454 -1.21 -8.17 6.28
C ALA A 454 -2.60 -8.76 6.01
N VAL A 455 -3.63 -8.06 6.47
CA VAL A 455 -5.01 -8.45 6.19
C VAL A 455 -5.67 -7.29 5.46
N SER A 456 -6.01 -7.53 4.20
CA SER A 456 -6.62 -6.50 3.36
C SER A 456 -7.95 -6.96 2.81
N LEU A 457 -9.02 -6.41 3.35
CA LEU A 457 -10.38 -6.75 2.96
C LEU A 457 -10.89 -5.64 2.05
N LEU A 458 -10.81 -5.90 0.74
CA LEU A 458 -10.97 -4.83 -0.24
C LEU A 458 -12.38 -4.78 -0.81
N PHE A 459 -13.33 -4.45 0.07
CA PHE A 459 -14.75 -4.39 -0.27
C PHE A 459 -15.06 -3.28 -1.27
N SER A 460 -15.82 -3.63 -2.31
CA SER A 460 -16.41 -2.64 -3.20
C SER A 460 -17.91 -2.57 -2.94
N SER A 461 -18.44 -1.36 -2.88
CA SER A 461 -19.87 -1.16 -2.65
C SER A 461 -20.64 -1.10 -3.96
N ASN A 465 -27.56 1.60 -0.01
CA ASN A 465 -27.81 0.66 1.09
C ASN A 465 -26.60 -0.21 1.40
N ASP A 466 -25.84 -0.54 0.36
CA ASP A 466 -24.68 -1.43 0.49
C ASP A 466 -23.53 -0.80 1.27
N LEU A 467 -23.26 0.48 1.03
CA LEU A 467 -22.17 1.19 1.70
C LEU A 467 -22.36 1.23 3.22
N ALA A 468 -23.55 1.59 3.67
CA ALA A 468 -23.88 1.64 5.10
C ALA A 468 -23.68 0.28 5.78
N ARG A 469 -24.11 -0.77 5.08
CA ARG A 469 -23.94 -2.15 5.57
C ARG A 469 -22.46 -2.50 5.71
N LEU A 470 -21.66 -2.14 4.70
CA LEU A 470 -20.23 -2.45 4.70
C LEU A 470 -19.46 -1.67 5.76
N GLN A 471 -19.85 -0.41 5.98
CA GLN A 471 -19.23 0.41 7.01
C GLN A 471 -19.53 -0.15 8.40
N GLU A 472 -20.76 -0.60 8.60
CA GLU A 472 -21.18 -1.23 9.85
C GLU A 472 -20.43 -2.55 10.06
N GLN A 473 -20.27 -3.32 8.99
CA GLN A 473 -19.53 -4.58 9.02
C GLN A 473 -18.07 -4.38 9.44
N ASN A 474 -17.44 -3.33 8.91
CA ASN A 474 -16.06 -2.99 9.28
C ASN A 474 -15.93 -2.61 10.75
N ARG A 475 -16.89 -1.83 11.24
CA ARG A 475 -16.96 -1.49 12.65
C ARG A 475 -17.10 -2.74 13.52
N ARG A 476 -17.91 -3.69 13.04
CA ARG A 476 -18.12 -4.96 13.72
C ARG A 476 -16.83 -5.80 13.78
N ILE A 477 -16.08 -5.83 12.68
CA ILE A 477 -14.80 -6.54 12.65
C ILE A 477 -13.82 -5.93 13.65
N LEU A 478 -13.74 -4.60 13.68
CA LEU A 478 -12.85 -3.90 14.61
C LEU A 478 -13.27 -4.13 16.06
N ARG A 479 -14.58 -4.13 16.31
CA ARG A 479 -15.13 -4.41 17.64
C ARG A 479 -14.77 -5.83 18.11
N PHE A 480 -14.89 -6.80 17.20
CA PHE A 480 -14.49 -8.17 17.49
C PHE A 480 -13.02 -8.24 17.93
N CYS A 481 -12.15 -7.57 17.17
CA CYS A 481 -10.72 -7.57 17.44
C CYS A 481 -10.38 -6.95 18.79
N ASP A 482 -11.06 -5.85 19.12
CA ASP A 482 -10.84 -5.15 20.39
C ASP A 482 -11.27 -5.98 21.59
N LEU A 483 -12.44 -6.62 21.45
CA LEU A 483 -13.00 -7.48 22.50
C LEU A 483 -12.18 -8.75 22.69
N ALA A 484 -11.60 -9.25 21.60
CA ALA A 484 -10.72 -10.41 21.64
C ALA A 484 -9.31 -10.05 22.12
N GLY A 485 -9.04 -8.75 22.24
CA GLY A 485 -7.75 -8.27 22.69
C GLY A 485 -6.62 -8.48 21.69
N ILE A 486 -6.97 -8.48 20.41
CA ILE A 486 -5.97 -8.61 19.34
C ILE A 486 -5.24 -7.29 19.15
N GLN A 487 -3.93 -7.31 19.30
CA GLN A 487 -3.10 -6.11 19.23
C GLN A 487 -2.71 -5.78 17.78
N TYR A 488 -3.72 -5.44 16.99
CA TYR A 488 -3.53 -5.12 15.57
C TYR A 488 -3.05 -3.67 15.38
N LYS A 489 -2.52 -3.39 14.20
CA LYS A 489 -2.28 -2.02 13.76
C LYS A 489 -3.04 -1.82 12.45
N THR A 490 -3.72 -0.70 12.30
CA THR A 490 -4.34 -0.39 11.02
C THR A 490 -3.27 0.05 10.02
N TYR A 491 -3.60 -0.08 8.74
CA TYR A 491 -2.76 0.40 7.65
C TYR A 491 -3.67 1.15 6.69
N LEU A 492 -3.20 2.28 6.18
CA LEU A 492 -3.96 3.10 5.21
C LEU A 492 -5.23 3.74 5.77
N ALA A 493 -5.41 3.64 7.08
CA ALA A 493 -6.57 4.22 7.73
C ALA A 493 -6.17 5.48 8.50
N ARG A 494 -7.08 6.45 8.55
CA ARG A 494 -6.86 7.60 9.41
C ARG A 494 -7.81 7.54 10.61
N HIS A 495 -7.27 7.88 11.77
CA HIS A 495 -8.06 7.92 13.01
C HIS A 495 -8.53 9.34 13.24
N THR A 496 -9.55 9.50 14.08
CA THR A 496 -10.24 10.79 14.20
C THR A 496 -10.12 11.46 15.58
N ASP A 497 -9.44 10.81 16.52
CA ASP A 497 -9.13 11.44 17.80
C ASP A 497 -7.74 11.08 18.32
N ARG A 498 -7.25 11.88 19.27
CA ARG A 498 -5.91 11.75 19.81
C ARG A 498 -5.61 10.36 20.37
N SER A 499 -6.52 9.84 21.19
CA SER A 499 -6.31 8.56 21.86
C SER A 499 -6.07 7.42 20.88
N ASP A 500 -6.84 7.40 19.79
CA ASP A 500 -6.69 6.38 18.77
C ASP A 500 -5.34 6.47 18.05
N TRP A 501 -4.87 7.68 17.76
CA TRP A 501 -3.57 7.86 17.14
C TRP A 501 -2.42 7.51 18.08
N VAL A 502 -2.58 7.84 19.37
CA VAL A 502 -1.56 7.51 20.36
C VAL A 502 -1.45 5.98 20.51
N ARG A 503 -2.59 5.31 20.51
CA ARG A 503 -2.66 3.85 20.54
C ARG A 503 -2.01 3.23 19.30
N HIS A 504 -2.25 3.84 18.14
CA HIS A 504 -1.67 3.38 16.88
C HIS A 504 -0.14 3.32 16.93
N PHE A 505 0.48 4.43 17.36
CA PHE A 505 1.93 4.51 17.40
C PHE A 505 2.55 3.85 18.63
N GLY A 506 1.82 3.86 19.74
CA GLY A 506 2.38 3.49 21.04
C GLY A 506 3.05 4.70 21.65
N ALA A 507 3.18 4.71 22.99
CA ALA A 507 3.64 5.90 23.70
C ALA A 507 4.99 6.44 23.22
N ALA A 508 5.99 5.57 23.12
CA ALA A 508 7.35 5.97 22.73
C ALA A 508 7.43 6.55 21.32
N LYS A 509 6.82 5.84 20.37
CA LYS A 509 6.84 6.28 18.97
C LYS A 509 6.00 7.53 18.76
N TRP A 510 4.89 7.64 19.49
CA TRP A 510 4.06 8.85 19.43
C TRP A 510 4.85 10.07 19.88
N ASN A 511 5.53 9.95 21.01
CA ASN A 511 6.31 11.06 21.55
C ASN A 511 7.40 11.51 20.57
N ARG A 512 8.01 10.56 19.87
CA ARG A 512 8.97 10.87 18.82
C ARG A 512 8.29 11.55 17.63
N PHE A 513 7.11 11.06 17.27
CA PHE A 513 6.31 11.62 16.18
C PHE A 513 6.01 13.10 16.43
N VAL A 514 5.60 13.41 17.67
CA VAL A 514 5.32 14.79 18.08
C VAL A 514 6.59 15.66 18.05
N GLU A 515 7.70 15.10 18.54
CA GLU A 515 8.98 15.81 18.54
C GLU A 515 9.39 16.21 17.12
N MET A 516 9.19 15.29 16.18
CA MET A 516 9.51 15.56 14.78
C MET A 516 8.54 16.57 14.15
N LYS A 517 7.29 16.54 14.59
CA LYS A 517 6.29 17.50 14.14
C LYS A 517 6.65 18.92 14.57
N ASN A 518 7.06 19.07 15.83
CA ASN A 518 7.50 20.36 16.34
C ASN A 518 8.72 20.90 15.62
N LYS A 519 9.63 20.00 15.24
CA LYS A 519 10.85 20.36 14.54
C LYS A 519 10.61 20.72 13.07
N TYR A 520 9.72 19.99 12.41
CA TYR A 520 9.58 20.08 10.95
C TYR A 520 8.29 20.69 10.39
N ASP A 521 7.22 20.69 11.18
CA ASP A 521 5.95 21.32 10.79
C ASP A 521 5.24 21.90 12.02
N PRO A 522 5.86 22.90 12.67
CA PRO A 522 5.35 23.44 13.93
C PRO A 522 4.00 24.13 13.79
N LYS A 523 3.68 24.63 12.59
CA LYS A 523 2.39 25.28 12.35
C LYS A 523 1.26 24.27 12.14
N ARG A 524 1.62 22.99 12.01
CA ARG A 524 0.65 21.90 11.77
C ARG A 524 -0.19 22.17 10.53
N LEU A 525 0.49 22.33 9.39
CA LEU A 525 -0.17 22.61 8.13
C LEU A 525 -0.30 21.37 7.27
N LEU A 526 0.64 20.45 7.42
CA LEU A 526 0.87 19.41 6.41
C LEU A 526 -0.03 18.19 6.54
N SER A 527 -0.58 17.77 5.41
CA SER A 527 -1.46 16.60 5.30
C SER A 527 -2.51 16.51 6.41
N PRO A 528 -3.39 17.52 6.49
CA PRO A 528 -4.36 17.60 7.60
C PRO A 528 -5.43 16.51 7.55
N GLY A 529 -5.60 15.88 6.38
CA GLY A 529 -6.57 14.82 6.20
C GLY A 529 -6.24 13.55 6.97
N GLN A 530 -5.02 13.46 7.50
CA GLN A 530 -4.65 12.35 8.39
C GLN A 530 -5.31 12.49 9.75
N ASP A 531 -5.74 13.71 10.08
CA ASP A 531 -6.46 13.99 11.33
C ASP A 531 -5.65 13.64 12.58
N ILE A 532 -4.32 13.80 12.52
CA ILE A 532 -3.45 13.56 13.66
C ILE A 532 -3.26 14.83 14.48
N PHE A 533 -2.90 15.91 13.77
CA PHE A 533 -2.65 17.21 14.38
C PHE A 533 -3.66 18.24 13.88
N ASN A 534 -4.72 17.76 13.24
CA ASN A 534 -5.76 18.61 12.66
C ASN A 534 -7.15 18.03 12.89
#